data_6IOZ
#
_entry.id   6IOZ
#
_cell.length_a   70.825
_cell.length_b   70.825
_cell.length_c   285.697
_cell.angle_alpha   90.000
_cell.angle_beta   90.000
_cell.angle_gamma   120.000
#
_symmetry.space_group_name_H-M   'P 31 1 2'
#
loop_
_entity.id
_entity.type
_entity.pdbx_description
1 polymer 'Iduronate 2-sulfatase'
2 branched 2-acetamido-2-deoxy-beta-D-glucopyranose-(1-4)-[alpha-L-fucopyranose-(1-6)]2-acetamido-2-deoxy-beta-D-glucopyranose
3 branched 2-acetamido-2-deoxy-beta-D-glucopyranose-(1-4)-2-acetamido-2-deoxy-beta-D-glucopyranose
4 non-polymer 'CALCIUM ION'
5 non-polymer 2-acetamido-2-deoxy-beta-D-glucopyranose
#
_entity_poly.entity_id   1
_entity_poly.type   'polypeptide(L)'
_entity_poly.pdbx_seq_one_letter_code
;TDALNVLLIIVDDLRPSLGCYGDKLVRSPNIDQLASHSLLFQNAFAQQAV(ALS)APSRVSFLTGRRPDTTRLYDFNSYW
RVHAGNFSTIPQYFKENGYVTMSVGKVFHPGISSNHTDDSPYSWSFPPYHPSSEKYENTKTCRGPDGELHANLLCPVDVL
DVPEGTLPDKQSTEQAIQLLEKMKTSASPFFLAVGYHKPHIPFRYPKEFQKLYPLENITLAPDPEVPDGLPPVAYNPWMD
IRQREDVQALNISVPYGPIPVDFQRKIRQSYFASVSYLDTQVGRLLSALDDLQLANSTIIAFTSDHGWALGEHGEWAKYS
NFDVATHVPLIFYVPGRTASLPEAGEKLFPYLDPFDSASQLMEPGRQSMDLVELVSLFPTLAGLAGLQVPPRCPVPSFHV
ELCREGKNLLKHFRFRDLEEDPYLPGNPRELIAYSQYPRPSDIPQWNSDKPSLKDIKIMGYSIRTIDYRYTVWVGFNPDE
FLANFSDIHAGELYFVDSDPLQDHNMYNDSQGGDLFQLLMP
;
_entity_poly.pdbx_strand_id   A
#
# COMPACT_ATOMS: atom_id res chain seq x y z
N THR A 1 -14.70 -15.81 -27.66
CA THR A 1 -14.00 -14.62 -27.20
C THR A 1 -14.77 -13.90 -26.11
N ASP A 2 -14.14 -13.72 -24.96
CA ASP A 2 -14.78 -13.09 -23.81
C ASP A 2 -13.81 -12.09 -23.17
N ALA A 3 -14.34 -11.34 -22.22
CA ALA A 3 -13.57 -10.40 -21.43
C ALA A 3 -13.12 -11.06 -20.13
N LEU A 4 -11.94 -10.66 -19.66
CA LEU A 4 -11.36 -11.28 -18.48
C LEU A 4 -11.88 -10.65 -17.20
N ASN A 5 -12.04 -11.49 -16.18
CA ASN A 5 -12.38 -11.02 -14.84
C ASN A 5 -11.15 -10.39 -14.19
N VAL A 6 -11.40 -9.63 -13.13
CA VAL A 6 -10.34 -8.95 -12.39
C VAL A 6 -10.53 -9.23 -10.90
N LEU A 7 -9.49 -9.75 -10.26
CA LEU A 7 -9.41 -9.84 -8.81
C LEU A 7 -8.32 -8.89 -8.34
N LEU A 8 -8.70 -7.78 -7.73
CA LEU A 8 -7.77 -6.81 -7.19
C LEU A 8 -7.63 -6.99 -5.68
N ILE A 9 -6.45 -7.37 -5.23
CA ILE A 9 -6.17 -7.56 -3.82
C ILE A 9 -5.34 -6.38 -3.33
N ILE A 10 -5.87 -5.66 -2.35
CA ILE A 10 -5.19 -4.52 -1.74
C ILE A 10 -4.93 -4.85 -0.28
N VAL A 11 -3.70 -4.60 0.18
CA VAL A 11 -3.33 -4.84 1.58
C VAL A 11 -2.94 -3.51 2.21
N ASP A 12 -3.44 -3.28 3.42
CA ASP A 12 -3.24 -2.03 4.14
C ASP A 12 -1.88 -2.05 4.84
N ASP A 13 -1.00 -1.12 4.49
CA ASP A 13 0.28 -0.88 5.17
C ASP A 13 1.27 -2.03 4.98
N LEU A 14 1.14 -2.78 3.89
CA LEU A 14 2.05 -3.88 3.60
C LEU A 14 3.26 -3.39 2.81
N ARG A 15 4.44 -3.50 3.40
CA ARG A 15 5.67 -3.31 2.66
C ARG A 15 6.05 -4.62 1.98
N PRO A 16 7.00 -4.57 1.02
CA PRO A 16 7.37 -5.81 0.31
C PRO A 16 8.27 -6.75 1.09
N SER A 17 7.96 -6.98 2.37
CA SER A 17 8.69 -7.97 3.17
C SER A 17 8.13 -9.35 2.86
N LEU A 18 8.47 -9.82 1.65
CA LEU A 18 7.92 -11.04 1.09
C LEU A 18 9.03 -11.87 0.47
N GLY A 19 8.84 -13.18 0.47
CA GLY A 19 9.85 -14.07 -0.11
C GLY A 19 10.14 -13.76 -1.56
N CYS A 20 9.11 -13.45 -2.35
CA CYS A 20 9.31 -13.17 -3.76
C CYS A 20 9.94 -11.81 -4.03
N TYR A 21 10.17 -11.00 -2.99
CA TYR A 21 10.90 -9.74 -3.13
C TYR A 21 12.28 -9.81 -2.48
N GLY A 22 12.76 -11.02 -2.18
CA GLY A 22 14.09 -11.21 -1.63
C GLY A 22 14.18 -11.28 -0.13
N ASP A 23 13.06 -11.24 0.59
CA ASP A 23 13.07 -11.31 2.05
C ASP A 23 13.12 -12.78 2.44
N LYS A 24 14.28 -13.23 2.91
CA LYS A 24 14.52 -14.63 3.24
C LYS A 24 14.08 -15.01 4.64
N LEU A 25 13.38 -14.11 5.34
CA LEU A 25 12.88 -14.39 6.68
C LEU A 25 11.36 -14.54 6.72
N VAL A 26 10.62 -13.60 6.14
CA VAL A 26 9.17 -13.66 6.18
C VAL A 26 8.70 -14.82 5.30
N ARG A 27 7.76 -15.61 5.82
CA ARG A 27 7.19 -16.74 5.09
C ARG A 27 5.89 -16.30 4.43
N SER A 28 5.94 -16.12 3.11
CA SER A 28 4.78 -15.75 2.31
C SER A 28 4.66 -16.69 1.12
N PRO A 29 4.50 -17.99 1.36
CA PRO A 29 4.53 -18.95 0.24
C PRO A 29 3.42 -18.76 -0.78
N ASN A 30 2.21 -18.40 -0.35
CA ASN A 30 1.09 -18.27 -1.29
C ASN A 30 1.29 -17.05 -2.19
N ILE A 31 1.75 -15.94 -1.63
CA ILE A 31 2.04 -14.78 -2.46
C ILE A 31 3.20 -15.09 -3.39
N ASP A 32 4.24 -15.76 -2.88
CA ASP A 32 5.34 -16.15 -3.76
C ASP A 32 4.83 -17.04 -4.89
N GLN A 33 3.87 -17.91 -4.58
CA GLN A 33 3.32 -18.77 -5.62
C GLN A 33 2.51 -17.97 -6.64
N LEU A 34 1.78 -16.95 -6.18
CA LEU A 34 1.14 -16.03 -7.11
C LEU A 34 2.17 -15.37 -8.01
N ALA A 35 3.30 -14.95 -7.44
CA ALA A 35 4.33 -14.27 -8.21
C ALA A 35 4.95 -15.19 -9.26
N SER A 36 5.12 -16.48 -8.92
CA SER A 36 5.75 -17.41 -9.84
C SER A 36 5.03 -17.50 -11.17
N HIS A 37 3.75 -17.13 -11.23
CA HIS A 37 2.98 -17.12 -12.45
C HIS A 37 2.70 -15.70 -12.96
N SER A 38 3.34 -14.70 -12.37
CA SER A 38 2.98 -13.30 -12.60
C SER A 38 4.22 -12.50 -13.01
N LEU A 39 3.99 -11.22 -13.32
CA LEU A 39 5.04 -10.24 -13.53
C LEU A 39 5.20 -9.41 -12.25
N LEU A 40 6.37 -9.50 -11.63
CA LEU A 40 6.63 -8.80 -10.38
C LEU A 40 7.44 -7.53 -10.64
N PHE A 41 6.96 -6.41 -10.11
CA PHE A 41 7.65 -5.12 -10.23
C PHE A 41 8.47 -4.84 -8.97
N GLN A 42 9.78 -4.71 -9.14
CA GLN A 42 10.70 -4.50 -8.03
C GLN A 42 10.75 -3.06 -7.54
N ASN A 43 10.28 -2.09 -8.34
CA ASN A 43 10.45 -0.68 -8.04
C ASN A 43 9.13 0.07 -8.24
N ALA A 44 8.11 -0.32 -7.48
CA ALA A 44 6.81 0.34 -7.48
C ALA A 44 6.66 1.19 -6.23
N PHE A 45 6.07 2.38 -6.39
CA PHE A 45 6.01 3.35 -5.30
C PHE A 45 4.66 4.03 -5.28
N ALA A 46 4.12 4.24 -4.07
CA ALA A 46 2.90 5.02 -3.89
C ALA A 46 3.20 6.51 -4.01
N GLN A 47 2.14 7.28 -4.31
CA GLN A 47 2.30 8.71 -4.51
C GLN A 47 2.24 9.50 -3.21
N GLN A 48 1.65 8.94 -2.16
CA GLN A 48 1.71 9.52 -0.82
C GLN A 48 1.50 8.39 0.18
N ALA A 49 2.34 8.33 1.20
CA ALA A 49 2.39 7.16 2.10
C ALA A 49 1.40 7.35 3.25
N VAL A 50 0.12 7.31 2.90
CA VAL A 50 -0.95 7.30 3.88
C VAL A 50 -2.26 6.94 3.18
N ALA A 52 -5.83 7.36 2.72
CA ALA A 52 -6.85 7.96 1.85
C ALA A 52 -6.25 8.69 0.64
N PRO A 53 -5.25 9.55 0.84
CA PRO A 53 -4.58 10.19 -0.32
C PRO A 53 -4.09 9.20 -1.35
N SER A 54 -3.53 8.07 -0.89
CA SER A 54 -3.02 7.07 -1.82
C SER A 54 -4.17 6.33 -2.49
N ARG A 55 -5.18 5.95 -1.72
CA ARG A 55 -6.25 5.14 -2.27
C ARG A 55 -7.11 5.95 -3.25
N VAL A 56 -7.48 7.17 -2.89
CA VAL A 56 -8.21 8.01 -3.83
C VAL A 56 -7.38 8.30 -5.06
N SER A 57 -6.05 8.40 -4.90
CA SER A 57 -5.17 8.66 -6.04
C SER A 57 -5.25 7.54 -7.06
N PHE A 58 -4.86 6.32 -6.66
CA PHE A 58 -4.76 5.25 -7.63
C PHE A 58 -6.11 4.65 -8.01
N LEU A 59 -7.18 5.00 -7.29
CA LEU A 59 -8.50 4.56 -7.69
C LEU A 59 -9.13 5.47 -8.74
N THR A 60 -8.75 6.75 -8.76
CA THR A 60 -9.16 7.67 -9.81
C THR A 60 -8.11 7.80 -10.90
N GLY A 61 -6.94 7.21 -10.72
CA GLY A 61 -5.87 7.34 -11.69
C GLY A 61 -5.26 8.72 -11.76
N ARG A 62 -5.51 9.56 -10.76
CA ARG A 62 -4.97 10.91 -10.70
C ARG A 62 -3.97 11.03 -9.55
N ARG A 63 -3.13 12.05 -9.64
CA ARG A 63 -2.11 12.29 -8.64
C ARG A 63 -2.68 13.11 -7.50
N PRO A 64 -2.01 13.11 -6.34
CA PRO A 64 -2.53 13.88 -5.20
C PRO A 64 -2.79 15.34 -5.50
N ASP A 65 -2.01 15.96 -6.37
CA ASP A 65 -2.22 17.37 -6.71
C ASP A 65 -3.39 17.57 -7.66
N THR A 66 -3.94 16.49 -8.20
CA THR A 66 -5.20 16.58 -8.94
C THR A 66 -6.40 16.25 -8.05
N THR A 67 -6.28 15.21 -7.21
CA THR A 67 -7.30 14.95 -6.21
C THR A 67 -7.31 16.01 -5.12
N ARG A 68 -6.18 16.71 -4.94
CA ARG A 68 -6.05 17.69 -3.85
C ARG A 68 -6.46 17.09 -2.51
N LEU A 69 -6.20 15.80 -2.34
CA LEU A 69 -6.50 15.09 -1.11
C LEU A 69 -5.16 14.71 -0.49
N TYR A 70 -4.77 15.42 0.56
CA TYR A 70 -3.56 15.16 1.31
C TYR A 70 -3.85 14.64 2.72
N ASP A 71 -5.08 14.79 3.20
CA ASP A 71 -5.49 14.16 4.45
C ASP A 71 -6.58 13.14 4.12
N PHE A 72 -7.66 13.11 4.90
CA PHE A 72 -8.78 12.22 4.62
C PHE A 72 -10.11 12.92 4.83
N ASN A 73 -10.14 14.25 4.66
CA ASN A 73 -11.28 15.06 5.07
C ASN A 73 -11.93 15.78 3.88
N SER A 74 -11.85 15.20 2.69
CA SER A 74 -12.55 15.78 1.54
C SER A 74 -12.89 14.71 0.53
N TYR A 75 -14.03 14.90 -0.15
CA TYR A 75 -14.50 14.00 -1.19
C TYR A 75 -14.13 14.60 -2.54
N TRP A 76 -13.35 13.85 -3.33
CA TRP A 76 -12.75 14.42 -4.54
C TRP A 76 -13.79 14.95 -5.52
N ARG A 77 -14.91 14.24 -5.68
CA ARG A 77 -15.90 14.65 -6.67
C ARG A 77 -16.44 16.05 -6.42
N VAL A 78 -16.39 16.52 -5.18
CA VAL A 78 -16.84 17.86 -4.83
C VAL A 78 -15.63 18.77 -4.67
N HIS A 79 -14.52 18.20 -4.18
CA HIS A 79 -13.36 19.00 -3.80
C HIS A 79 -12.53 19.40 -5.02
N ALA A 80 -12.38 18.49 -5.98
CA ALA A 80 -11.49 18.71 -7.13
C ALA A 80 -12.25 18.57 -8.44
N GLY A 81 -12.77 17.38 -8.74
CA GLY A 81 -13.50 17.17 -9.98
C GLY A 81 -14.17 15.82 -9.96
N ASN A 82 -15.11 15.66 -10.88
CA ASN A 82 -15.95 14.45 -10.93
C ASN A 82 -15.17 13.29 -11.56
N PHE A 83 -14.04 12.96 -10.94
CA PHE A 83 -13.13 11.97 -11.49
C PHE A 83 -13.75 10.58 -11.39
N SER A 84 -13.69 9.83 -12.48
CA SER A 84 -14.17 8.46 -12.48
C SER A 84 -13.16 7.52 -11.82
N THR A 85 -13.67 6.40 -11.32
CA THR A 85 -12.87 5.40 -10.63
C THR A 85 -12.75 4.14 -11.48
N ILE A 86 -11.80 3.29 -11.10
CA ILE A 86 -11.58 2.01 -11.78
C ILE A 86 -12.86 1.19 -11.77
N PRO A 87 -13.46 0.91 -10.61
CA PRO A 87 -14.68 0.07 -10.64
C PRO A 87 -15.83 0.72 -11.36
N GLN A 88 -15.96 2.06 -11.25
CA GLN A 88 -16.98 2.75 -12.02
C GLN A 88 -16.80 2.49 -13.50
N TYR A 89 -15.56 2.56 -13.99
CA TYR A 89 -15.32 2.36 -15.41
C TYR A 89 -15.67 0.94 -15.84
N PHE A 90 -15.27 -0.06 -15.03
CA PHE A 90 -15.62 -1.43 -15.35
C PHE A 90 -17.12 -1.65 -15.29
N LYS A 91 -17.79 -1.07 -14.28
CA LYS A 91 -19.23 -1.26 -14.17
C LYS A 91 -19.95 -0.66 -15.38
N GLU A 92 -19.48 0.49 -15.88
CA GLU A 92 -20.04 1.06 -17.08
C GLU A 92 -19.79 0.22 -18.32
N ASN A 93 -18.87 -0.74 -18.25
CA ASN A 93 -18.54 -1.60 -19.37
C ASN A 93 -19.07 -3.02 -19.16
N GLY A 94 -20.16 -3.14 -18.42
CA GLY A 94 -20.84 -4.41 -18.27
C GLY A 94 -20.28 -5.33 -17.19
N TYR A 95 -19.44 -4.82 -16.30
CA TYR A 95 -18.91 -5.65 -15.22
C TYR A 95 -19.80 -5.54 -13.98
N VAL A 96 -19.83 -6.63 -13.22
CA VAL A 96 -20.34 -6.62 -11.86
C VAL A 96 -19.16 -6.30 -10.94
N THR A 97 -19.21 -5.14 -10.30
CA THR A 97 -18.12 -4.63 -9.49
C THR A 97 -18.48 -4.75 -8.02
N MET A 98 -17.57 -5.28 -7.22
CA MET A 98 -17.87 -5.64 -5.84
C MET A 98 -16.69 -5.25 -4.96
N SER A 99 -16.98 -4.75 -3.77
CA SER A 99 -15.95 -4.33 -2.83
C SER A 99 -16.10 -5.10 -1.52
N VAL A 100 -15.00 -5.70 -1.07
CA VAL A 100 -14.94 -6.42 0.19
C VAL A 100 -13.78 -5.87 1.00
N GLY A 101 -14.07 -5.46 2.24
CA GLY A 101 -13.02 -4.98 3.11
C GLY A 101 -12.71 -3.52 2.89
N LYS A 102 -11.47 -3.14 3.15
CA LYS A 102 -11.03 -1.76 3.05
C LYS A 102 -10.44 -1.55 1.66
N VAL A 103 -11.27 -1.06 0.75
CA VAL A 103 -10.83 -0.70 -0.59
C VAL A 103 -10.72 0.81 -0.65
N PHE A 104 -11.86 1.49 -0.71
CA PHE A 104 -11.88 2.92 -0.39
C PHE A 104 -11.55 3.12 1.07
N HIS A 105 -11.00 4.29 1.37
CA HIS A 105 -10.84 4.64 2.78
C HIS A 105 -12.19 5.10 3.32
N PRO A 106 -12.65 4.58 4.45
CA PRO A 106 -13.99 4.95 4.93
C PRO A 106 -14.04 6.40 5.36
N GLY A 107 -15.26 6.91 5.44
CA GLY A 107 -15.49 8.28 5.82
C GLY A 107 -15.78 9.17 4.63
N ILE A 108 -15.54 10.46 4.85
CA ILE A 108 -15.92 11.46 3.85
C ILE A 108 -15.11 11.30 2.57
N SER A 109 -13.86 10.86 2.67
CA SER A 109 -13.01 10.75 1.48
C SER A 109 -13.66 9.88 0.41
N SER A 110 -14.61 9.02 0.79
CA SER A 110 -15.45 8.29 -0.16
C SER A 110 -16.93 8.60 0.03
N ASN A 111 -17.22 9.74 0.65
CA ASN A 111 -18.61 10.18 0.89
C ASN A 111 -19.38 9.18 1.76
N HIS A 112 -18.66 8.44 2.60
CA HIS A 112 -19.27 7.54 3.57
C HIS A 112 -20.02 6.38 2.92
N THR A 113 -20.01 6.30 1.58
CA THR A 113 -20.75 5.25 0.90
C THR A 113 -19.87 4.48 -0.06
N ASP A 114 -18.56 4.54 0.13
CA ASP A 114 -17.62 3.90 -0.79
C ASP A 114 -17.82 4.41 -2.21
N ASP A 115 -18.14 5.70 -2.33
CA ASP A 115 -18.34 6.34 -3.63
C ASP A 115 -19.57 5.76 -4.32
N SER A 116 -20.65 5.60 -3.56
CA SER A 116 -21.93 5.19 -4.12
C SER A 116 -22.59 6.38 -4.81
N PRO A 117 -23.38 6.12 -5.86
CA PRO A 117 -23.70 4.83 -6.49
C PRO A 117 -22.83 4.53 -7.70
N TYR A 118 -21.73 5.26 -7.85
CA TYR A 118 -20.97 5.24 -9.09
C TYR A 118 -20.13 3.98 -9.22
N SER A 119 -19.52 3.53 -8.13
CA SER A 119 -18.43 2.55 -8.20
C SER A 119 -18.91 1.10 -8.15
N TRP A 120 -19.87 0.76 -7.30
CA TRP A 120 -20.13 -0.62 -6.95
C TRP A 120 -21.54 -1.05 -7.35
N SER A 121 -21.68 -2.34 -7.65
CA SER A 121 -22.98 -2.87 -8.06
C SER A 121 -23.93 -3.00 -6.88
N PHE A 122 -23.40 -3.17 -5.67
CA PHE A 122 -24.20 -3.19 -4.46
C PHE A 122 -23.38 -2.64 -3.31
N PRO A 123 -24.03 -2.20 -2.23
CA PRO A 123 -23.31 -1.62 -1.09
C PRO A 123 -22.19 -2.53 -0.63
N PRO A 124 -20.95 -2.05 -0.61
CA PRO A 124 -19.83 -2.92 -0.25
C PRO A 124 -20.00 -3.64 1.09
N TYR A 125 -19.25 -4.73 1.23
CA TYR A 125 -19.20 -5.51 2.46
C TYR A 125 -17.99 -5.09 3.27
N HIS A 126 -18.21 -4.75 4.54
CA HIS A 126 -17.14 -4.42 5.47
C HIS A 126 -17.21 -5.38 6.65
N PRO A 127 -16.15 -6.12 6.96
CA PRO A 127 -16.23 -7.13 8.02
C PRO A 127 -16.56 -6.51 9.37
N SER A 128 -17.50 -7.14 10.07
CA SER A 128 -17.98 -6.62 11.35
C SER A 128 -16.89 -6.63 12.41
N SER A 129 -16.03 -7.65 12.42
CA SER A 129 -15.07 -7.81 13.51
C SER A 129 -13.98 -6.74 13.50
N GLU A 130 -13.90 -5.91 12.45
CA GLU A 130 -12.90 -4.85 12.44
C GLU A 130 -13.11 -3.86 13.58
N LYS A 131 -14.35 -3.64 14.00
CA LYS A 131 -14.62 -2.66 15.04
C LYS A 131 -14.09 -3.08 16.42
N TYR A 132 -13.57 -4.30 16.56
CA TYR A 132 -12.95 -4.72 17.81
C TYR A 132 -11.43 -4.62 17.80
N GLU A 133 -10.83 -4.21 16.67
CA GLU A 133 -9.37 -4.13 16.61
C GLU A 133 -8.82 -3.18 17.67
N ASN A 134 -9.47 -2.04 17.87
CA ASN A 134 -8.99 -1.02 18.82
C ASN A 134 -9.79 -1.01 20.12
N THR A 135 -10.34 -2.16 20.49
CA THR A 135 -10.96 -2.34 21.80
C THR A 135 -10.04 -3.18 22.68
N LYS A 136 -10.48 -3.41 23.91
CA LYS A 136 -9.76 -4.26 24.87
C LYS A 136 -10.01 -5.72 24.48
N THR A 137 -9.24 -6.18 23.49
CA THR A 137 -9.42 -7.50 22.92
C THR A 137 -8.16 -8.38 22.99
N CYS A 138 -7.09 -7.91 23.62
CA CYS A 138 -5.84 -8.64 23.69
C CYS A 138 -5.66 -9.15 25.11
N ARG A 139 -5.70 -10.47 25.28
CA ARG A 139 -5.55 -11.08 26.58
C ARG A 139 -4.07 -11.15 26.92
N GLY A 140 -3.71 -10.62 28.09
CA GLY A 140 -2.33 -10.54 28.51
C GLY A 140 -1.92 -11.69 29.41
N PRO A 141 -0.66 -11.67 29.84
CA PRO A 141 -0.15 -12.80 30.62
C PRO A 141 -0.87 -12.98 31.94
N ASP A 142 -1.49 -11.93 32.48
CA ASP A 142 -2.16 -12.02 33.77
C ASP A 142 -3.67 -12.12 33.65
N GLY A 143 -4.20 -12.31 32.45
CA GLY A 143 -5.60 -12.65 32.27
C GLY A 143 -6.53 -11.51 31.95
N GLU A 144 -6.02 -10.29 31.81
CA GLU A 144 -6.85 -9.13 31.54
C GLU A 144 -6.84 -8.78 30.06
N LEU A 145 -7.84 -8.00 29.66
CA LEU A 145 -7.99 -7.58 28.27
C LEU A 145 -7.44 -6.18 28.10
N HIS A 146 -6.72 -5.97 27.00
CA HIS A 146 -6.05 -4.71 26.72
C HIS A 146 -6.21 -4.36 25.25
N ALA A 147 -6.04 -3.08 24.96
CA ALA A 147 -5.97 -2.59 23.58
C ALA A 147 -4.49 -2.47 23.23
N ASN A 148 -3.87 -3.60 22.96
CA ASN A 148 -2.44 -3.65 22.74
C ASN A 148 -2.10 -3.52 21.27
N LEU A 149 -0.89 -3.01 20.99
CA LEU A 149 -0.38 -3.01 19.63
C LEU A 149 0.02 -4.42 19.19
N LEU A 150 0.68 -5.16 20.07
CA LEU A 150 1.04 -6.55 19.79
C LEU A 150 -0.06 -7.44 20.38
N CYS A 151 -0.86 -8.04 19.51
CA CYS A 151 -2.12 -8.65 19.90
C CYS A 151 -2.29 -10.04 19.27
N PRO A 152 -1.39 -10.98 19.59
CA PRO A 152 -1.66 -12.38 19.25
C PRO A 152 -2.83 -12.88 20.08
N VAL A 153 -3.80 -13.50 19.42
CA VAL A 153 -5.05 -13.85 20.07
C VAL A 153 -5.49 -15.26 19.67
N ASP A 154 -6.11 -15.94 20.63
CA ASP A 154 -6.93 -17.11 20.35
C ASP A 154 -8.26 -16.62 19.79
N VAL A 155 -8.65 -17.15 18.63
CA VAL A 155 -9.88 -16.70 18.00
C VAL A 155 -11.08 -16.99 18.88
N LEU A 156 -10.98 -17.95 19.79
CA LEU A 156 -12.08 -18.28 20.69
C LEU A 156 -12.17 -17.35 21.90
N ASP A 157 -11.33 -16.32 21.97
CA ASP A 157 -11.34 -15.39 23.11
C ASP A 157 -11.41 -13.95 22.62
N VAL A 158 -12.02 -13.72 21.46
CA VAL A 158 -12.22 -12.38 20.92
C VAL A 158 -13.70 -12.21 20.60
N PRO A 159 -14.17 -10.97 20.50
CA PRO A 159 -15.58 -10.74 20.18
C PRO A 159 -15.94 -11.32 18.82
N GLU A 160 -17.10 -11.97 18.77
CA GLU A 160 -17.65 -12.61 17.57
C GLU A 160 -16.81 -13.80 17.10
N GLY A 161 -15.72 -14.13 17.80
CA GLY A 161 -14.95 -15.31 17.46
C GLY A 161 -14.40 -15.34 16.04
N THR A 162 -13.93 -14.20 15.53
CA THR A 162 -13.35 -14.16 14.19
C THR A 162 -12.52 -12.90 14.05
N LEU A 163 -11.91 -12.74 12.88
CA LEU A 163 -11.07 -11.59 12.58
C LEU A 163 -11.45 -11.01 11.22
N PRO A 164 -11.28 -9.70 11.05
CA PRO A 164 -11.84 -9.05 9.85
C PRO A 164 -11.36 -9.67 8.55
N ASP A 165 -10.10 -10.08 8.48
CA ASP A 165 -9.57 -10.60 7.22
C ASP A 165 -10.07 -12.01 6.95
N LYS A 166 -10.38 -12.79 7.99
CA LYS A 166 -11.04 -14.07 7.76
C LYS A 166 -12.44 -13.85 7.19
N GLN A 167 -13.17 -12.88 7.73
CA GLN A 167 -14.49 -12.55 7.19
C GLN A 167 -14.40 -12.11 5.74
N SER A 168 -13.48 -11.18 5.44
CA SER A 168 -13.34 -10.72 4.07
C SER A 168 -13.08 -11.90 3.12
N THR A 169 -12.14 -12.77 3.49
CA THR A 169 -11.85 -13.94 2.67
C THR A 169 -13.10 -14.79 2.45
N GLU A 170 -13.80 -15.14 3.53
CA GLU A 170 -15.00 -15.96 3.40
C GLU A 170 -16.01 -15.32 2.45
N GLN A 171 -16.28 -14.03 2.64
CA GLN A 171 -17.27 -13.35 1.81
C GLN A 171 -16.81 -13.26 0.36
N ALA A 172 -15.52 -13.03 0.13
CA ALA A 172 -15.02 -12.95 -1.24
C ALA A 172 -15.18 -14.29 -1.96
N ILE A 173 -14.92 -15.39 -1.28
CA ILE A 173 -15.08 -16.71 -1.89
C ILE A 173 -16.54 -16.94 -2.30
N GLN A 174 -17.47 -16.58 -1.41
CA GLN A 174 -18.88 -16.76 -1.74
C GLN A 174 -19.28 -15.96 -2.96
N LEU A 175 -18.79 -14.73 -3.08
CA LEU A 175 -19.10 -13.91 -4.25
C LEU A 175 -18.52 -14.53 -5.53
N LEU A 176 -17.33 -15.11 -5.44
CA LEU A 176 -16.77 -15.82 -6.59
C LEU A 176 -17.66 -16.98 -6.99
N GLU A 177 -18.13 -17.77 -6.02
CA GLU A 177 -19.05 -18.87 -6.33
C GLU A 177 -20.30 -18.35 -7.01
N LYS A 178 -20.85 -17.23 -6.54
CA LYS A 178 -22.03 -16.66 -7.19
C LYS A 178 -21.73 -16.25 -8.62
N MET A 179 -20.62 -15.55 -8.83
CA MET A 179 -20.31 -15.04 -10.17
C MET A 179 -20.04 -16.16 -11.17
N LYS A 180 -19.63 -17.35 -10.71
CA LYS A 180 -19.48 -18.46 -11.64
C LYS A 180 -20.81 -18.81 -12.31
N THR A 181 -21.92 -18.35 -11.75
CA THR A 181 -23.24 -18.52 -12.37
C THR A 181 -23.55 -17.40 -13.35
N SER A 182 -23.12 -16.19 -13.04
CA SER A 182 -23.55 -15.03 -13.81
C SER A 182 -22.93 -15.07 -15.20
N ALA A 183 -23.63 -14.48 -16.17
CA ALA A 183 -23.11 -14.36 -17.52
C ALA A 183 -22.13 -13.21 -17.68
N SER A 184 -22.12 -12.27 -16.74
CA SER A 184 -21.25 -11.10 -16.77
C SER A 184 -19.91 -11.37 -16.09
N PRO A 185 -18.84 -10.72 -16.55
CA PRO A 185 -17.57 -10.80 -15.81
C PRO A 185 -17.63 -9.97 -14.54
N PHE A 186 -16.69 -10.26 -13.63
CA PHE A 186 -16.67 -9.62 -12.32
C PHE A 186 -15.39 -8.81 -12.15
N PHE A 187 -15.53 -7.72 -11.39
CA PHE A 187 -14.41 -6.93 -10.89
C PHE A 187 -14.56 -6.93 -9.37
N LEU A 188 -13.72 -7.72 -8.71
CA LEU A 188 -13.80 -7.96 -7.27
C LEU A 188 -12.60 -7.33 -6.58
N ALA A 189 -12.87 -6.36 -5.72
CA ALA A 189 -11.84 -5.71 -4.92
C ALA A 189 -11.91 -6.23 -3.49
N VAL A 190 -10.80 -6.82 -3.04
CA VAL A 190 -10.68 -7.38 -1.69
C VAL A 190 -9.61 -6.58 -0.96
N GLY A 191 -10.02 -5.87 0.09
CA GLY A 191 -9.10 -5.05 0.84
C GLY A 191 -8.76 -5.64 2.19
N TYR A 192 -7.57 -6.21 2.32
CA TYR A 192 -7.17 -6.82 3.59
C TYR A 192 -6.65 -5.75 4.55
N HIS A 193 -6.85 -5.99 5.83
CA HIS A 193 -6.54 -5.01 6.86
C HIS A 193 -5.13 -5.15 7.42
N LYS A 194 -4.78 -6.35 7.90
CA LYS A 194 -3.44 -6.59 8.41
C LYS A 194 -2.46 -6.55 7.23
N PRO A 195 -1.20 -6.13 7.47
CA PRO A 195 -0.56 -5.86 8.77
C PRO A 195 -0.74 -4.45 9.35
N HIS A 196 -1.79 -3.72 8.95
CA HIS A 196 -2.12 -2.46 9.61
C HIS A 196 -2.36 -2.71 11.10
N ILE A 197 -1.99 -1.73 11.92
CA ILE A 197 -2.12 -1.86 13.39
C ILE A 197 -3.59 -1.89 13.82
N PRO A 198 -3.88 -2.54 14.97
CA PRO A 198 -2.93 -3.29 15.80
C PRO A 198 -2.57 -4.63 15.17
N PHE A 199 -1.54 -5.30 15.69
CA PHE A 199 -1.14 -6.59 15.12
C PHE A 199 -1.96 -7.68 15.82
N ARG A 200 -3.22 -7.78 15.40
CA ARG A 200 -4.13 -8.79 15.91
C ARG A 200 -4.24 -9.90 14.88
N TYR A 201 -3.68 -11.06 15.22
CA TYR A 201 -3.58 -12.20 14.32
C TYR A 201 -3.69 -13.46 15.14
N PRO A 202 -4.07 -14.58 14.53
CA PRO A 202 -4.07 -15.86 15.26
C PRO A 202 -2.70 -16.16 15.85
N LYS A 203 -2.68 -16.37 17.17
CA LYS A 203 -1.41 -16.43 17.90
C LYS A 203 -0.47 -17.50 17.38
N GLU A 204 -0.99 -18.53 16.69
CA GLU A 204 -0.12 -19.58 16.17
C GLU A 204 0.96 -19.04 15.24
N PHE A 205 0.64 -17.99 14.46
CA PHE A 205 1.61 -17.42 13.53
C PHE A 205 2.80 -16.80 14.23
N GLN A 206 2.70 -16.51 15.52
CA GLN A 206 3.81 -15.95 16.27
C GLN A 206 4.95 -16.94 16.41
N LYS A 207 4.66 -18.24 16.40
CA LYS A 207 5.69 -19.26 16.54
C LYS A 207 6.63 -19.29 15.35
N LEU A 208 6.22 -18.78 14.19
CA LEU A 208 7.09 -18.74 13.01
C LEU A 208 8.27 -17.80 13.18
N TYR A 209 8.28 -16.93 14.18
CA TYR A 209 9.31 -15.89 14.31
C TYR A 209 9.72 -15.77 15.77
N PRO A 210 10.50 -16.72 16.27
CA PRO A 210 11.04 -16.59 17.63
C PRO A 210 11.98 -15.39 17.75
N LEU A 211 11.93 -14.73 18.92
CA LEU A 211 12.65 -13.49 19.10
C LEU A 211 14.16 -13.68 19.00
N GLU A 212 14.66 -14.87 19.37
CA GLU A 212 16.09 -15.12 19.28
C GLU A 212 16.59 -14.91 17.86
N ASN A 213 15.79 -15.28 16.87
CA ASN A 213 16.14 -15.14 15.46
C ASN A 213 15.57 -13.87 14.85
N ILE A 214 15.36 -12.83 15.66
CA ILE A 214 14.92 -11.52 15.18
C ILE A 214 16.01 -10.50 15.48
N THR A 215 16.41 -9.76 14.45
CA THR A 215 17.36 -8.66 14.58
C THR A 215 16.64 -7.34 14.39
N LEU A 216 17.30 -6.25 14.78
CA LEU A 216 16.78 -4.92 14.57
C LEU A 216 16.88 -4.53 13.09
N ALA A 217 16.40 -3.33 12.78
CA ALA A 217 16.63 -2.78 11.46
C ALA A 217 18.13 -2.51 11.29
N PRO A 218 18.62 -2.55 10.04
CA PRO A 218 20.05 -2.28 9.84
C PRO A 218 20.47 -0.89 10.29
N ASP A 219 19.58 0.09 10.22
CA ASP A 219 19.92 1.49 10.51
C ASP A 219 18.93 2.00 11.53
N PRO A 220 18.98 1.50 12.77
CA PRO A 220 17.98 1.89 13.76
C PRO A 220 18.17 3.30 14.28
N GLU A 221 19.36 3.88 14.11
CA GLU A 221 19.62 5.21 14.61
C GLU A 221 18.98 6.24 13.68
N VAL A 222 18.69 7.42 14.24
CA VAL A 222 18.23 8.55 13.45
C VAL A 222 19.42 9.17 12.74
N PRO A 223 19.44 9.23 11.40
CA PRO A 223 20.63 9.73 10.72
C PRO A 223 20.89 11.20 11.03
N ASP A 224 22.17 11.55 11.08
CA ASP A 224 22.56 12.94 11.29
C ASP A 224 22.09 13.84 10.16
N GLY A 225 22.15 13.34 8.92
CA GLY A 225 21.81 14.13 7.76
C GLY A 225 20.33 14.24 7.45
N LEU A 226 19.46 13.69 8.29
CA LEU A 226 18.03 13.75 8.03
C LEU A 226 17.48 15.06 8.60
N PRO A 227 16.98 15.97 7.76
CA PRO A 227 16.39 17.21 8.28
C PRO A 227 15.15 16.92 9.11
N PRO A 228 14.94 17.65 10.21
CA PRO A 228 13.76 17.39 11.04
C PRO A 228 12.44 17.43 10.28
N VAL A 229 12.32 18.27 9.25
CA VAL A 229 11.06 18.39 8.52
C VAL A 229 10.64 17.04 7.92
N ALA A 230 11.62 16.20 7.54
CA ALA A 230 11.30 14.93 6.90
C ALA A 230 11.03 13.80 7.88
N TYR A 231 11.18 14.04 9.19
CA TYR A 231 10.95 13.01 10.19
C TYR A 231 9.47 13.01 10.59
N ASN A 232 8.88 11.82 10.68
CA ASN A 232 7.52 11.68 11.20
C ASN A 232 7.57 11.07 12.59
N PRO A 233 6.80 11.60 13.55
CA PRO A 233 6.94 11.18 14.95
C PRO A 233 6.18 9.93 15.36
N TRP A 234 5.50 9.25 14.43
CA TRP A 234 4.73 8.04 14.75
C TRP A 234 3.98 8.16 16.07
N MET A 235 2.93 8.99 16.10
CA MET A 235 2.17 9.25 17.31
C MET A 235 1.05 8.25 17.54
N ASP A 236 0.54 7.64 16.47
CA ASP A 236 -0.63 6.76 16.61
C ASP A 236 -0.31 5.53 17.45
N ILE A 237 0.86 4.93 17.23
CA ILE A 237 1.22 3.72 17.97
C ILE A 237 1.50 3.98 19.44
N ARG A 238 1.87 5.23 19.80
CA ARG A 238 2.14 5.57 21.18
C ARG A 238 0.90 5.48 22.07
N GLN A 239 -0.29 5.40 21.49
CA GLN A 239 -1.53 5.38 22.27
C GLN A 239 -1.88 4.00 22.80
N ARG A 240 -1.33 2.94 22.22
CA ARG A 240 -1.61 1.59 22.69
C ARG A 240 -1.04 1.37 24.08
N GLU A 241 -1.74 0.53 24.86
CA GLU A 241 -1.42 0.37 26.28
C GLU A 241 0.02 -0.12 26.47
N ASP A 242 0.40 -1.17 25.73
CA ASP A 242 1.73 -1.74 25.90
C ASP A 242 2.81 -0.75 25.48
N VAL A 243 2.56 0.05 24.45
CA VAL A 243 3.51 1.07 24.04
C VAL A 243 3.56 2.20 25.06
N GLN A 244 2.39 2.64 25.52
CA GLN A 244 2.34 3.75 26.47
C GLN A 244 3.09 3.44 27.75
N ALA A 245 3.15 2.15 28.13
CA ALA A 245 3.79 1.77 29.37
C ALA A 245 5.31 1.86 29.31
N LEU A 246 5.88 1.98 28.11
CA LEU A 246 7.33 2.05 27.98
C LEU A 246 7.87 3.46 28.17
N ASN A 247 7.01 4.48 28.13
CA ASN A 247 7.43 5.85 28.40
C ASN A 247 8.47 6.30 27.37
N ILE A 248 8.13 6.15 26.09
CA ILE A 248 9.06 6.45 25.02
C ILE A 248 9.03 7.95 24.72
N SER A 249 10.21 8.55 24.66
CA SER A 249 10.32 9.99 24.49
C SER A 249 9.77 10.42 23.13
N VAL A 250 9.21 11.63 23.10
CA VAL A 250 8.69 12.22 21.88
C VAL A 250 9.66 13.30 21.40
N PRO A 251 9.90 13.40 20.08
CA PRO A 251 9.39 12.59 18.95
C PRO A 251 10.40 11.59 18.38
N TYR A 252 11.59 11.48 18.96
CA TYR A 252 12.67 10.70 18.35
C TYR A 252 12.88 9.34 19.02
N GLY A 253 12.24 9.09 20.15
CA GLY A 253 12.42 7.84 20.84
C GLY A 253 13.81 7.76 21.43
N PRO A 254 14.52 6.63 21.23
CA PRO A 254 14.12 5.45 20.47
C PRO A 254 13.23 4.50 21.25
N ILE A 255 12.60 3.59 20.52
CA ILE A 255 11.86 2.47 21.13
C ILE A 255 12.86 1.49 21.74
N PRO A 256 12.63 0.98 22.95
CA PRO A 256 13.57 0.01 23.53
C PRO A 256 13.80 -1.17 22.58
N VAL A 257 15.06 -1.61 22.53
CA VAL A 257 15.46 -2.63 21.55
C VAL A 257 14.54 -3.84 21.62
N ASP A 258 14.28 -4.34 22.83
CA ASP A 258 13.47 -5.54 22.99
C ASP A 258 12.09 -5.36 22.37
N PHE A 259 11.49 -4.18 22.53
CA PHE A 259 10.16 -3.94 21.96
C PHE A 259 10.25 -3.73 20.46
N GLN A 260 11.36 -3.20 19.97
CA GLN A 260 11.56 -3.09 18.52
C GLN A 260 11.50 -4.48 17.88
N ARG A 261 12.20 -5.45 18.45
CA ARG A 261 12.17 -6.81 17.91
CA ARG A 261 12.17 -6.81 17.90
C ARG A 261 10.79 -7.44 18.04
N LYS A 262 10.05 -7.09 19.10
CA LYS A 262 8.69 -7.63 19.25
C LYS A 262 7.76 -7.07 18.20
N ILE A 263 7.89 -5.78 17.88
CA ILE A 263 7.08 -5.19 16.81
C ILE A 263 7.35 -5.90 15.49
N ARG A 264 8.62 -6.14 15.18
CA ARG A 264 8.96 -6.79 13.92
C ARG A 264 8.43 -8.22 13.90
N GLN A 265 8.49 -8.89 15.06
CA GLN A 265 7.89 -10.22 15.18
C GLN A 265 6.40 -10.18 14.85
N SER A 266 5.67 -9.27 15.48
CA SER A 266 4.23 -9.22 15.26
C SER A 266 3.88 -8.77 13.86
N TYR A 267 4.68 -7.88 13.27
CA TYR A 267 4.46 -7.49 11.89
C TYR A 267 4.66 -8.68 10.94
N PHE A 268 5.77 -9.40 11.12
CA PHE A 268 6.03 -10.55 10.25
C PHE A 268 4.96 -11.60 10.42
N ALA A 269 4.54 -11.86 11.66
CA ALA A 269 3.46 -12.82 11.91
C ALA A 269 2.19 -12.37 11.19
N SER A 270 1.90 -11.07 11.22
CA SER A 270 0.70 -10.58 10.54
C SER A 270 0.81 -10.77 9.04
N VAL A 271 2.01 -10.66 8.48
CA VAL A 271 2.21 -10.86 7.06
C VAL A 271 1.95 -12.32 6.69
N SER A 272 2.54 -13.25 7.45
CA SER A 272 2.27 -14.66 7.22
C SER A 272 0.79 -14.97 7.40
N TYR A 273 0.16 -14.35 8.40
CA TYR A 273 -1.29 -14.50 8.56
C TYR A 273 -2.03 -13.99 7.33
N LEU A 274 -1.69 -12.77 6.89
CA LEU A 274 -2.25 -12.28 5.64
C LEU A 274 -2.03 -13.27 4.50
N ASP A 275 -0.84 -13.87 4.43
CA ASP A 275 -0.52 -14.74 3.31
C ASP A 275 -1.45 -15.94 3.24
N THR A 276 -1.79 -16.51 4.39
CA THR A 276 -2.72 -17.65 4.39
C THR A 276 -4.09 -17.23 3.89
N GLN A 277 -4.57 -16.05 4.28
CA GLN A 277 -5.85 -15.57 3.78
C GLN A 277 -5.81 -15.44 2.25
N VAL A 278 -4.77 -14.81 1.72
CA VAL A 278 -4.57 -14.77 0.28
C VAL A 278 -4.55 -16.18 -0.29
N GLY A 279 -3.88 -17.09 0.40
CA GLY A 279 -3.88 -18.49 -0.05
C GLY A 279 -5.27 -19.05 -0.16
N ARG A 280 -6.09 -18.85 0.88
CA ARG A 280 -7.46 -19.33 0.82
C ARG A 280 -8.21 -18.71 -0.35
N LEU A 281 -8.04 -17.39 -0.55
CA LEU A 281 -8.75 -16.73 -1.64
C LEU A 281 -8.31 -17.27 -3.00
N LEU A 282 -7.00 -17.35 -3.23
CA LEU A 282 -6.50 -17.82 -4.51
C LEU A 282 -6.79 -19.30 -4.71
N SER A 283 -6.72 -20.09 -3.64
CA SER A 283 -7.01 -21.51 -3.77
C SER A 283 -8.46 -21.74 -4.18
N ALA A 284 -9.38 -20.97 -3.60
CA ALA A 284 -10.77 -21.05 -4.02
C ALA A 284 -10.94 -20.65 -5.47
N LEU A 285 -10.22 -19.61 -5.90
CA LEU A 285 -10.22 -19.23 -7.31
C LEU A 285 -9.85 -20.41 -8.20
N ASP A 286 -8.83 -21.17 -7.78
CA ASP A 286 -8.42 -22.34 -8.54
C ASP A 286 -9.53 -23.40 -8.58
N ASP A 287 -10.07 -23.76 -7.41
CA ASP A 287 -11.13 -24.78 -7.37
C ASP A 287 -12.30 -24.42 -8.28
N LEU A 288 -12.65 -23.14 -8.36
CA LEU A 288 -13.75 -22.71 -9.23
C LEU A 288 -13.36 -22.67 -10.70
N GLN A 289 -12.11 -22.97 -11.05
CA GLN A 289 -11.66 -22.99 -12.45
C GLN A 289 -11.76 -21.63 -13.10
N LEU A 290 -11.54 -20.57 -12.31
CA LEU A 290 -11.50 -19.21 -12.80
C LEU A 290 -10.09 -18.74 -13.10
N ALA A 291 -9.10 -19.59 -12.88
CA ALA A 291 -7.70 -19.20 -13.02
C ALA A 291 -7.35 -18.84 -14.45
N ASN A 292 -8.08 -19.37 -15.44
CA ASN A 292 -7.80 -19.12 -16.84
C ASN A 292 -8.60 -17.95 -17.41
N SER A 293 -9.35 -17.23 -16.58
CA SER A 293 -10.16 -16.12 -17.05
C SER A 293 -10.11 -14.90 -16.12
N THR A 294 -9.20 -14.86 -15.15
CA THR A 294 -9.22 -13.83 -14.12
C THR A 294 -7.84 -13.21 -13.99
N ILE A 295 -7.76 -11.89 -14.19
CA ILE A 295 -6.57 -11.12 -13.86
C ILE A 295 -6.48 -10.95 -12.35
N ILE A 296 -5.27 -11.05 -11.81
CA ILE A 296 -5.02 -10.86 -10.38
C ILE A 296 -3.96 -9.78 -10.22
N ALA A 297 -4.34 -8.66 -9.64
CA ALA A 297 -3.40 -7.59 -9.28
C ALA A 297 -3.28 -7.58 -7.76
N PHE A 298 -2.04 -7.65 -7.26
CA PHE A 298 -1.76 -7.66 -5.84
C PHE A 298 -0.84 -6.49 -5.51
N THR A 299 -1.25 -5.65 -4.56
CA THR A 299 -0.46 -4.48 -4.20
C THR A 299 -0.83 -4.03 -2.79
N SER A 300 -0.32 -2.85 -2.40
CA SER A 300 -0.56 -2.24 -1.10
C SER A 300 -0.71 -0.73 -1.29
N ASP A 301 -1.37 -0.08 -0.32
CA ASP A 301 -1.56 1.37 -0.41
C ASP A 301 -0.34 2.16 0.01
N HIS A 302 0.58 1.55 0.76
CA HIS A 302 1.84 2.19 1.13
C HIS A 302 2.61 1.25 2.05
N GLY A 303 3.83 1.63 2.42
CA GLY A 303 4.68 0.79 3.24
C GLY A 303 4.51 1.06 4.72
N TRP A 304 5.52 0.65 5.48
CA TRP A 304 5.48 0.78 6.95
C TRP A 304 6.91 0.62 7.45
N ALA A 305 7.41 1.63 8.17
CA ALA A 305 8.77 1.59 8.69
C ALA A 305 8.87 0.71 9.94
N LEU A 306 9.94 -0.07 10.02
CA LEU A 306 10.15 -0.95 11.16
C LEU A 306 11.46 -0.64 11.87
N GLY A 307 11.70 0.64 12.16
CA GLY A 307 12.90 1.08 12.84
C GLY A 307 13.96 1.71 11.96
N GLU A 308 13.83 1.61 10.64
CA GLU A 308 14.77 2.27 9.74
C GLU A 308 14.76 3.77 9.97
N HIS A 309 15.95 4.33 10.18
CA HIS A 309 16.13 5.75 10.45
C HIS A 309 15.46 6.18 11.75
N GLY A 310 15.28 5.25 12.69
CA GLY A 310 14.54 5.54 13.89
C GLY A 310 13.09 5.87 13.66
N GLU A 311 12.54 5.44 12.52
CA GLU A 311 11.16 5.74 12.14
C GLU A 311 10.28 4.51 12.29
N TRP A 312 8.99 4.77 12.46
CA TRP A 312 7.98 3.72 12.52
C TRP A 312 6.74 4.21 11.78
N ALA A 313 6.01 3.27 11.18
CA ALA A 313 4.81 3.59 10.43
C ALA A 313 5.18 4.26 9.11
N LYS A 314 4.21 4.91 8.47
CA LYS A 314 4.36 5.46 7.13
C LYS A 314 4.59 6.98 7.27
N TYR A 315 3.83 7.84 6.58
CA TYR A 315 3.92 9.29 6.72
C TYR A 315 5.32 9.82 6.38
N SER A 316 5.91 9.28 5.32
CA SER A 316 7.31 9.54 4.99
C SER A 316 7.50 9.39 3.49
N ASN A 317 8.61 9.94 3.00
CA ASN A 317 9.01 9.77 1.61
C ASN A 317 10.14 8.77 1.44
N PHE A 318 10.67 8.22 2.54
CA PHE A 318 11.64 7.15 2.44
C PHE A 318 11.08 5.98 1.63
N ASP A 319 11.98 5.19 1.07
CA ASP A 319 11.56 4.01 0.31
C ASP A 319 10.70 3.07 1.16
N VAL A 320 11.09 2.83 2.41
CA VAL A 320 10.36 1.87 3.25
C VAL A 320 8.89 2.25 3.34
N ALA A 321 8.58 3.54 3.27
CA ALA A 321 7.20 4.01 3.41
C ALA A 321 6.48 4.14 2.08
N THR A 322 7.23 4.33 0.98
CA THR A 322 6.63 4.52 -0.33
C THR A 322 6.73 3.29 -1.22
N HIS A 323 7.71 2.41 -0.99
CA HIS A 323 7.89 1.23 -1.81
C HIS A 323 6.83 0.19 -1.49
N VAL A 324 6.12 -0.29 -2.50
CA VAL A 324 5.03 -1.24 -2.30
C VAL A 324 5.23 -2.42 -3.23
N PRO A 325 4.66 -3.58 -2.89
CA PRO A 325 4.63 -4.70 -3.83
C PRO A 325 3.60 -4.49 -4.92
N LEU A 326 3.89 -5.06 -6.10
CA LEU A 326 2.99 -4.94 -7.24
C LEU A 326 3.18 -6.14 -8.15
N ILE A 327 2.16 -7.00 -8.21
CA ILE A 327 2.21 -8.25 -8.96
C ILE A 327 0.98 -8.33 -9.85
N PHE A 328 1.18 -8.77 -11.09
CA PHE A 328 0.11 -8.87 -12.07
C PHE A 328 0.12 -10.27 -12.67
N TYR A 329 -0.94 -11.04 -12.40
CA TYR A 329 -1.17 -12.31 -13.07
C TYR A 329 -2.14 -12.07 -14.23
N VAL A 330 -1.76 -12.54 -15.41
CA VAL A 330 -2.58 -12.36 -16.61
C VAL A 330 -2.73 -13.74 -17.27
N PRO A 331 -3.92 -14.33 -17.30
CA PRO A 331 -4.04 -15.71 -17.78
C PRO A 331 -3.52 -15.85 -19.20
N GLY A 332 -2.61 -16.81 -19.40
CA GLY A 332 -2.04 -17.09 -20.69
C GLY A 332 -0.98 -16.12 -21.16
N ARG A 333 -0.68 -15.09 -20.37
CA ARG A 333 0.36 -14.12 -20.72
C ARG A 333 1.52 -14.14 -19.75
N THR A 334 1.27 -13.98 -18.45
CA THR A 334 2.33 -14.13 -17.46
C THR A 334 2.65 -15.58 -17.14
N ALA A 335 1.84 -16.53 -17.61
CA ALA A 335 2.05 -17.95 -17.37
C ALA A 335 1.17 -18.72 -18.33
N SER A 336 1.53 -19.99 -18.55
CA SER A 336 0.73 -20.86 -19.39
C SER A 336 -0.63 -21.12 -18.77
N LEU A 337 -1.66 -21.17 -19.61
CA LEU A 337 -3.01 -21.46 -19.13
C LEU A 337 -3.02 -22.81 -18.42
N PRO A 338 -3.84 -22.97 -17.37
CA PRO A 338 -3.94 -24.25 -16.68
C PRO A 338 -4.61 -25.34 -17.50
N GLY A 341 -7.58 -29.82 -15.12
CA GLY A 341 -7.55 -30.11 -13.70
C GLY A 341 -6.28 -29.62 -13.03
N GLU A 342 -5.58 -28.71 -13.69
CA GLU A 342 -4.36 -28.13 -13.14
C GLU A 342 -4.69 -27.00 -12.17
N LYS A 343 -3.90 -26.90 -11.10
CA LYS A 343 -4.07 -25.87 -10.08
C LYS A 343 -2.81 -25.01 -10.02
N LEU A 344 -3.01 -23.70 -10.12
CA LEU A 344 -1.91 -22.75 -10.08
C LEU A 344 -1.68 -22.13 -8.70
N PHE A 345 -2.73 -22.00 -7.89
CA PHE A 345 -2.64 -21.37 -6.57
C PHE A 345 -3.15 -22.30 -5.49
N PRO A 346 -2.57 -23.50 -5.37
CA PRO A 346 -2.93 -24.36 -4.24
C PRO A 346 -2.47 -23.74 -2.93
N TYR A 347 -3.30 -23.91 -1.89
CA TYR A 347 -2.96 -23.33 -0.60
C TYR A 347 -1.66 -23.94 -0.07
N LEU A 348 -0.78 -23.08 0.43
CA LEU A 348 0.50 -23.49 0.99
C LEU A 348 0.55 -23.10 2.46
N ASP A 349 1.02 -24.03 3.29
CA ASP A 349 1.03 -23.82 4.73
C ASP A 349 2.39 -23.27 5.14
N PRO A 350 2.46 -22.04 5.68
CA PRO A 350 3.76 -21.52 6.12
C PRO A 350 4.41 -22.34 7.23
N PHE A 351 3.69 -23.24 7.88
CA PHE A 351 4.27 -24.09 8.91
C PHE A 351 4.90 -25.36 8.33
N ASP A 352 5.08 -25.41 7.01
CA ASP A 352 5.78 -26.50 6.35
C ASP A 352 7.08 -25.95 5.78
N SER A 353 8.21 -26.39 6.33
CA SER A 353 9.51 -25.91 5.88
C SER A 353 9.93 -26.57 4.57
N MET A 358 10.08 -21.18 -4.06
CA MET A 358 9.83 -21.37 -5.48
C MET A 358 10.79 -20.55 -6.33
N GLU A 359 10.50 -20.47 -7.69
CA GLU A 359 11.32 -19.66 -8.57
C GLU A 359 10.68 -18.29 -8.81
N PRO A 360 11.48 -17.24 -8.98
CA PRO A 360 10.92 -15.93 -9.32
C PRO A 360 10.34 -15.93 -10.73
N GLY A 361 9.07 -15.57 -10.85
CA GLY A 361 8.43 -15.45 -12.14
C GLY A 361 9.03 -14.33 -12.97
N ARG A 362 8.28 -13.81 -13.94
CA ARG A 362 8.73 -12.65 -14.68
C ARG A 362 8.97 -11.49 -13.72
N GLN A 363 9.91 -10.61 -14.07
CA GLN A 363 10.27 -9.49 -13.22
C GLN A 363 10.59 -8.25 -14.05
N SER A 364 10.34 -7.09 -13.46
CA SER A 364 10.60 -5.81 -14.12
C SER A 364 11.18 -4.81 -13.13
N MET A 365 12.28 -4.18 -13.51
CA MET A 365 12.93 -3.16 -12.68
C MET A 365 12.53 -1.74 -13.07
N ASP A 366 11.57 -1.58 -13.98
CA ASP A 366 11.15 -0.24 -14.36
C ASP A 366 10.47 0.46 -13.20
N LEU A 367 10.68 1.77 -13.10
CA LEU A 367 10.07 2.56 -12.04
C LEU A 367 8.64 2.93 -12.40
N VAL A 368 7.71 2.44 -11.60
CA VAL A 368 6.28 2.54 -11.86
C VAL A 368 5.60 3.11 -10.62
N GLU A 369 4.36 3.55 -10.80
CA GLU A 369 3.61 4.27 -9.78
C GLU A 369 2.20 3.70 -9.65
N LEU A 370 1.65 3.77 -8.44
CA LEU A 370 0.30 3.27 -8.23
C LEU A 370 -0.71 4.00 -9.09
N VAL A 371 -0.44 5.26 -9.45
CA VAL A 371 -1.36 6.01 -10.30
C VAL A 371 -1.48 5.37 -11.68
N SER A 372 -0.60 4.43 -12.02
CA SER A 372 -0.70 3.68 -13.27
C SER A 372 -1.60 2.46 -13.17
N LEU A 373 -2.19 2.22 -12.00
CA LEU A 373 -3.03 1.04 -11.82
C LEU A 373 -4.28 1.08 -12.69
N PHE A 374 -4.93 2.25 -12.75
CA PHE A 374 -6.15 2.40 -13.53
C PHE A 374 -5.93 1.99 -14.99
N PRO A 375 -5.05 2.64 -15.76
CA PRO A 375 -4.93 2.26 -17.18
C PRO A 375 -4.48 0.83 -17.39
N THR A 376 -3.61 0.30 -16.51
CA THR A 376 -3.13 -1.06 -16.69
C THR A 376 -4.26 -2.06 -16.61
N LEU A 377 -5.06 -2.01 -15.55
CA LEU A 377 -6.16 -2.95 -15.40
C LEU A 377 -7.17 -2.81 -16.53
N ALA A 378 -7.48 -1.57 -16.94
CA ALA A 378 -8.42 -1.35 -18.05
C ALA A 378 -7.92 -1.97 -19.35
N GLY A 379 -6.62 -1.85 -19.62
CA GLY A 379 -6.06 -2.45 -20.82
C GLY A 379 -6.01 -3.96 -20.73
N LEU A 380 -5.45 -4.47 -19.64
CA LEU A 380 -5.32 -5.92 -19.45
C LEU A 380 -6.67 -6.61 -19.57
N ALA A 381 -7.75 -5.92 -19.19
CA ALA A 381 -9.08 -6.52 -19.22
C ALA A 381 -9.73 -6.41 -20.59
N GLY A 382 -9.04 -5.84 -21.57
CA GLY A 382 -9.56 -5.69 -22.91
C GLY A 382 -10.42 -4.47 -23.13
N LEU A 383 -10.53 -3.59 -22.14
CA LEU A 383 -11.32 -2.39 -22.28
C LEU A 383 -10.48 -1.28 -22.91
N GLN A 384 -11.15 -0.19 -23.26
CA GLN A 384 -10.48 0.99 -23.78
C GLN A 384 -9.68 1.67 -22.67
N VAL A 385 -8.40 1.92 -22.93
CA VAL A 385 -7.56 2.62 -21.97
C VAL A 385 -7.94 4.11 -21.98
N PRO A 386 -8.32 4.69 -20.85
CA PRO A 386 -8.66 6.11 -20.85
C PRO A 386 -7.52 6.94 -21.39
N PRO A 387 -7.81 8.10 -21.96
CA PRO A 387 -6.75 8.94 -22.54
C PRO A 387 -5.92 9.61 -21.45
N ARG A 388 -4.73 10.05 -21.84
CA ARG A 388 -3.89 10.79 -20.92
CA ARG A 388 -3.88 10.81 -20.94
C ARG A 388 -4.58 12.09 -20.51
N CYS A 389 -4.36 12.50 -19.25
CA CYS A 389 -4.99 13.71 -18.73
C CYS A 389 -4.28 14.96 -19.25
N PRO A 390 -5.02 16.04 -19.48
CA PRO A 390 -4.39 17.35 -19.67
C PRO A 390 -3.94 17.88 -18.31
N VAL A 391 -3.33 19.06 -18.34
CA VAL A 391 -2.87 19.69 -17.12
C VAL A 391 -3.43 21.11 -17.05
N PRO A 392 -4.33 21.40 -16.10
CA PRO A 392 -4.96 20.52 -15.11
C PRO A 392 -6.09 19.69 -15.71
N SER A 393 -6.62 18.75 -14.92
CA SER A 393 -7.70 17.89 -15.39
C SER A 393 -8.88 17.90 -14.43
N PHE A 394 -9.03 18.97 -13.64
CA PHE A 394 -10.17 19.07 -12.72
C PHE A 394 -11.49 18.98 -13.45
N HIS A 395 -11.52 19.40 -14.71
CA HIS A 395 -12.75 19.45 -15.50
C HIS A 395 -13.01 18.15 -16.24
N VAL A 396 -12.03 17.23 -16.26
CA VAL A 396 -12.14 15.98 -17.00
C VAL A 396 -12.57 14.88 -16.04
N GLU A 397 -13.53 14.06 -16.46
CA GLU A 397 -14.04 13.01 -15.59
C GLU A 397 -13.30 11.68 -15.77
N LEU A 398 -12.92 11.33 -17.00
CA LEU A 398 -12.26 10.07 -17.30
C LEU A 398 -10.94 10.32 -18.03
N CYS A 399 -9.83 10.21 -17.32
CA CYS A 399 -8.50 10.25 -17.93
C CYS A 399 -7.50 9.74 -16.89
N ARG A 400 -6.29 9.46 -17.36
CA ARG A 400 -5.24 8.89 -16.53
C ARG A 400 -4.01 9.78 -16.59
N GLU A 401 -3.41 10.03 -15.43
CA GLU A 401 -2.15 10.77 -15.34
C GLU A 401 -0.94 9.85 -15.28
N GLY A 402 -1.15 8.54 -15.21
CA GLY A 402 -0.05 7.60 -15.23
C GLY A 402 0.00 6.85 -16.55
N LYS A 403 1.12 6.20 -16.82
CA LYS A 403 1.26 5.45 -18.06
C LYS A 403 0.69 4.06 -17.91
N ASN A 404 0.23 3.49 -19.03
CA ASN A 404 -0.19 2.11 -19.06
C ASN A 404 1.04 1.19 -19.11
N LEU A 405 1.04 0.15 -18.28
CA LEU A 405 2.15 -0.79 -18.23
C LEU A 405 1.90 -2.02 -19.10
N LEU A 406 0.92 -1.97 -20.01
CA LEU A 406 0.57 -3.16 -20.79
C LEU A 406 1.66 -3.57 -21.78
N LYS A 407 2.37 -2.60 -22.36
CA LYS A 407 3.46 -2.89 -23.28
C LYS A 407 4.52 -3.80 -22.68
N HIS A 408 4.70 -3.69 -21.36
CA HIS A 408 5.70 -4.40 -20.57
C HIS A 408 5.46 -5.90 -20.44
N PHE A 409 4.35 -6.43 -20.94
CA PHE A 409 4.07 -7.86 -20.89
C PHE A 409 4.35 -8.56 -22.22
N ARG A 410 5.10 -7.91 -23.11
CA ARG A 410 5.37 -8.43 -24.45
C ARG A 410 4.07 -8.68 -25.19
N PRO A 421 10.17 7.06 -27.63
CA PRO A 421 11.05 8.11 -27.08
C PRO A 421 11.15 8.06 -25.56
N GLY A 422 12.35 8.25 -25.05
CA GLY A 422 12.58 8.17 -23.61
C GLY A 422 12.17 9.41 -22.85
N ASN A 423 10.91 9.49 -22.46
CA ASN A 423 10.47 10.58 -21.59
C ASN A 423 11.11 10.42 -20.22
N PRO A 424 11.75 11.45 -19.67
CA PRO A 424 12.39 11.29 -18.35
C PRO A 424 11.42 10.89 -17.24
N ARG A 425 10.14 11.22 -17.38
CA ARG A 425 9.16 10.89 -16.35
C ARG A 425 8.87 9.39 -16.30
N GLU A 426 9.14 8.66 -17.38
CA GLU A 426 9.03 7.20 -17.33
C GLU A 426 10.18 6.59 -16.55
N LEU A 427 11.17 7.38 -16.16
CA LEU A 427 12.25 6.94 -15.30
C LEU A 427 12.01 7.31 -13.84
N ILE A 428 10.85 7.91 -13.52
CA ILE A 428 10.59 8.45 -12.20
C ILE A 428 9.32 7.82 -11.64
N ALA A 429 9.39 7.49 -10.35
CA ALA A 429 8.21 7.28 -9.52
C ALA A 429 8.10 8.44 -8.56
N TYR A 430 6.94 9.09 -8.52
CA TYR A 430 6.74 10.29 -7.71
C TYR A 430 6.07 9.97 -6.39
N SER A 431 6.58 10.61 -5.33
CA SER A 431 5.95 10.56 -4.03
C SER A 431 5.99 11.95 -3.41
N GLN A 432 5.15 12.14 -2.39
CA GLN A 432 5.10 13.41 -1.68
C GLN A 432 4.47 13.17 -0.33
N TYR A 433 4.72 14.12 0.59
CA TYR A 433 4.02 14.08 1.86
C TYR A 433 4.03 15.45 2.51
N PRO A 434 2.93 15.89 3.12
CA PRO A 434 2.88 17.22 3.73
C PRO A 434 3.35 17.23 5.19
N ARG A 435 3.77 18.41 5.61
CA ARG A 435 4.13 18.68 7.00
C ARG A 435 3.48 19.99 7.44
N PRO A 436 3.13 20.11 8.72
CA PRO A 436 2.62 21.38 9.25
C PRO A 436 3.69 22.32 9.81
N SER A 437 4.95 21.89 9.83
CA SER A 437 6.02 22.66 10.45
C SER A 437 7.34 21.97 10.13
N ASP A 438 8.45 22.64 10.46
CA ASP A 438 9.76 22.04 10.25
C ASP A 438 10.11 21.06 11.36
N ILE A 439 9.77 21.39 12.61
CA ILE A 439 10.06 20.54 13.75
C ILE A 439 8.92 19.54 13.92
N PRO A 440 9.20 18.24 14.10
CA PRO A 440 8.10 17.27 14.30
C PRO A 440 7.23 17.67 15.49
N GLN A 441 5.91 17.65 15.28
CA GLN A 441 4.97 18.00 16.34
C GLN A 441 3.78 17.05 16.28
N TRP A 442 2.74 17.35 17.07
CA TRP A 442 1.66 16.39 17.30
C TRP A 442 1.02 15.93 16.01
N ASN A 443 0.88 16.82 15.03
CA ASN A 443 0.14 16.52 13.81
C ASN A 443 1.05 16.38 12.60
N SER A 444 2.34 16.11 12.82
CA SER A 444 3.28 16.01 11.71
C SER A 444 3.06 14.73 10.90
N ASP A 445 2.50 13.69 11.51
CA ASP A 445 2.19 12.47 10.78
C ASP A 445 1.08 12.70 9.77
N LYS A 446 -0.01 13.35 10.20
CA LYS A 446 -1.24 13.43 9.41
C LYS A 446 -1.80 14.84 9.53
N PRO A 447 -1.13 15.83 8.94
CA PRO A 447 -1.62 17.21 9.02
C PRO A 447 -2.91 17.39 8.26
N SER A 448 -3.83 18.16 8.84
CA SER A 448 -5.05 18.54 8.15
C SER A 448 -4.75 19.61 7.11
N LEU A 449 -5.60 19.66 6.08
CA LEU A 449 -5.32 20.51 4.92
C LEU A 449 -4.99 21.94 5.35
N LYS A 450 -5.82 22.52 6.21
CA LYS A 450 -5.63 23.91 6.61
C LYS A 450 -4.31 24.13 7.36
N ASP A 451 -3.76 23.08 7.97
CA ASP A 451 -2.53 23.18 8.75
C ASP A 451 -1.28 22.86 7.94
N ILE A 452 -1.42 22.46 6.67
CA ILE A 452 -0.26 22.19 5.83
C ILE A 452 0.45 23.49 5.47
N LYS A 453 1.75 23.54 5.75
CA LYS A 453 2.58 24.67 5.35
C LYS A 453 3.77 24.25 4.51
N ILE A 454 4.09 22.96 4.45
CA ILE A 454 5.19 22.42 3.66
C ILE A 454 4.70 21.22 2.89
N MET A 455 5.18 21.06 1.66
CA MET A 455 4.92 19.86 0.87
C MET A 455 6.25 19.30 0.41
N GLY A 456 6.56 18.07 0.84
CA GLY A 456 7.75 17.39 0.41
C GLY A 456 7.54 16.59 -0.86
N TYR A 457 8.13 17.02 -1.96
CA TYR A 457 8.06 16.33 -3.23
C TYR A 457 9.33 15.50 -3.42
N SER A 458 9.15 14.24 -3.83
CA SER A 458 10.27 13.31 -3.92
C SER A 458 10.29 12.70 -5.32
N ILE A 459 11.49 12.62 -5.88
CA ILE A 459 11.74 11.95 -7.16
C ILE A 459 12.55 10.71 -6.87
N ARG A 460 12.09 9.56 -7.35
CA ARG A 460 12.81 8.31 -7.20
C ARG A 460 13.15 7.79 -8.59
N THR A 461 14.43 7.59 -8.86
CA THR A 461 14.90 6.95 -10.08
C THR A 461 15.58 5.64 -9.71
N ILE A 462 16.03 4.91 -10.74
CA ILE A 462 16.83 3.71 -10.50
C ILE A 462 18.11 4.05 -9.76
N ASP A 463 18.53 5.33 -9.78
CA ASP A 463 19.83 5.74 -9.25
C ASP A 463 19.78 6.45 -7.92
N TYR A 464 18.71 7.21 -7.62
CA TYR A 464 18.72 8.01 -6.41
C TYR A 464 17.30 8.41 -6.04
N ARG A 465 17.15 8.92 -4.81
CA ARG A 465 15.93 9.62 -4.39
C ARG A 465 16.27 11.06 -4.08
N TYR A 466 15.58 11.98 -4.74
CA TYR A 466 15.80 13.41 -4.61
C TYR A 466 14.51 14.04 -4.07
N THR A 467 14.60 14.67 -2.91
CA THR A 467 13.43 15.23 -2.23
C THR A 467 13.71 16.67 -1.83
N VAL A 468 12.73 17.54 -2.02
CA VAL A 468 12.79 18.93 -1.60
C VAL A 468 11.53 19.23 -0.80
N TRP A 469 11.70 19.81 0.39
CA TRP A 469 10.58 20.20 1.24
C TRP A 469 10.37 21.70 1.04
N VAL A 470 9.30 22.05 0.34
CA VAL A 470 9.08 23.41 -0.16
C VAL A 470 7.85 24.01 0.50
N GLY A 471 7.82 25.34 0.50
CA GLY A 471 6.64 26.03 1.01
C GLY A 471 5.40 25.67 0.22
N PHE A 472 4.29 25.51 0.94
CA PHE A 472 3.02 25.12 0.34
C PHE A 472 1.92 26.02 0.86
N ASN A 473 1.07 26.51 -0.05
CA ASN A 473 -0.06 27.34 0.33
C ASN A 473 -1.36 26.54 0.18
N PRO A 474 -2.00 26.10 1.27
CA PRO A 474 -3.18 25.23 1.11
C PRO A 474 -4.40 25.95 0.57
N ASP A 475 -4.48 27.27 0.71
CA ASP A 475 -5.63 28.00 0.20
C ASP A 475 -5.63 28.04 -1.33
N GLU A 476 -4.46 28.23 -1.94
CA GLU A 476 -4.31 28.27 -3.38
C GLU A 476 -3.81 26.96 -3.97
N PHE A 477 -3.47 25.98 -3.12
CA PHE A 477 -2.90 24.72 -3.59
C PHE A 477 -1.68 25.00 -4.46
N LEU A 478 -0.77 25.80 -3.91
CA LEU A 478 0.35 26.36 -4.67
C LEU A 478 1.64 26.02 -3.95
N ALA A 479 2.55 25.34 -4.63
CA ALA A 479 3.88 25.09 -4.12
C ALA A 479 4.84 26.17 -4.59
N ASN A 480 5.74 26.57 -3.70
CA ASN A 480 6.73 27.62 -3.99
C ASN A 480 8.10 26.95 -4.02
N PHE A 481 8.55 26.56 -5.22
CA PHE A 481 9.84 25.91 -5.40
C PHE A 481 11.00 26.87 -5.29
N SER A 482 10.74 28.12 -4.92
CA SER A 482 11.78 29.07 -4.55
C SER A 482 11.92 29.21 -3.04
N ASP A 483 11.07 28.53 -2.26
CA ASP A 483 11.13 28.51 -0.80
C ASP A 483 11.44 27.09 -0.31
N ILE A 484 12.64 26.59 -0.63
CA ILE A 484 13.05 25.25 -0.22
C ILE A 484 13.51 25.27 1.24
N HIS A 485 12.77 24.57 2.10
CA HIS A 485 13.14 24.48 3.50
C HIS A 485 14.33 23.54 3.71
N ALA A 486 14.37 22.42 3.00
CA ALA A 486 15.43 21.42 3.15
C ALA A 486 15.38 20.47 1.96
N GLY A 487 16.47 19.72 1.77
CA GLY A 487 16.55 18.77 0.68
C GLY A 487 17.22 17.48 1.11
N GLU A 488 16.95 16.43 0.32
CA GLU A 488 17.52 15.10 0.56
C GLU A 488 17.97 14.50 -0.76
N LEU A 489 19.11 13.81 -0.73
CA LEU A 489 19.62 13.10 -1.90
C LEU A 489 20.28 11.81 -1.42
N TYR A 490 19.70 10.67 -1.78
CA TYR A 490 20.22 9.35 -1.41
C TYR A 490 20.49 8.55 -2.67
N PHE A 491 21.66 7.92 -2.73
CA PHE A 491 22.09 7.16 -3.89
C PHE A 491 21.86 5.67 -3.67
N VAL A 492 21.19 5.04 -4.64
CA VAL A 492 20.83 3.63 -4.52
C VAL A 492 22.09 2.75 -4.45
N ASP A 493 23.05 3.01 -5.33
CA ASP A 493 24.23 2.15 -5.40
C ASP A 493 25.03 2.18 -4.11
N SER A 494 25.38 3.38 -3.65
CA SER A 494 26.24 3.51 -2.48
C SER A 494 25.48 3.55 -1.16
N ASP A 495 24.22 3.97 -1.16
CA ASP A 495 23.46 4.19 0.08
C ASP A 495 22.05 3.65 -0.07
N PRO A 496 21.90 2.34 -0.30
CA PRO A 496 20.55 1.79 -0.46
C PRO A 496 19.65 1.98 0.75
N LEU A 497 20.21 1.95 1.96
CA LEU A 497 19.43 2.20 3.17
C LEU A 497 19.05 3.66 3.33
N GLN A 498 19.66 4.56 2.54
CA GLN A 498 19.32 5.98 2.55
C GLN A 498 19.65 6.60 3.91
N ASP A 499 20.88 6.37 4.35
CA ASP A 499 21.39 6.86 5.62
C ASP A 499 22.30 8.07 5.50
N HIS A 500 22.75 8.41 4.29
CA HIS A 500 23.77 9.44 4.09
C HIS A 500 23.24 10.44 3.08
N ASN A 501 22.63 11.50 3.60
CA ASN A 501 22.05 12.54 2.76
C ASN A 501 23.16 13.34 2.08
N MET A 502 23.12 13.42 0.75
CA MET A 502 24.15 14.10 -0.01
C MET A 502 23.66 15.41 -0.64
N TYR A 503 22.51 15.93 -0.17
CA TYR A 503 21.92 17.10 -0.81
C TYR A 503 22.78 18.34 -0.64
N ASN A 504 23.37 18.52 0.54
CA ASN A 504 24.17 19.73 0.77
C ASN A 504 25.43 19.75 -0.10
N ASP A 505 26.02 18.59 -0.37
CA ASP A 505 27.20 18.53 -1.22
C ASP A 505 26.85 18.53 -2.70
N SER A 506 25.56 18.60 -3.05
CA SER A 506 25.11 18.52 -4.42
C SER A 506 24.75 19.91 -4.95
N GLN A 507 24.81 20.03 -6.27
CA GLN A 507 24.46 21.26 -6.97
C GLN A 507 23.19 21.14 -7.80
N GLY A 508 22.74 19.92 -8.10
CA GLY A 508 21.63 19.71 -9.00
C GLY A 508 22.01 19.07 -10.33
N GLY A 509 23.28 18.66 -10.49
CA GLY A 509 23.70 18.03 -11.73
C GLY A 509 23.03 16.70 -12.01
N ASP A 510 22.51 16.03 -10.98
CA ASP A 510 21.79 14.78 -11.22
C ASP A 510 20.46 15.03 -11.94
N LEU A 511 19.76 16.11 -11.57
CA LEU A 511 18.52 16.46 -12.27
C LEU A 511 18.80 16.94 -13.70
N PHE A 512 19.83 17.77 -13.87
CA PHE A 512 20.22 18.22 -15.21
C PHE A 512 20.51 17.02 -16.11
N GLN A 513 21.33 16.08 -15.62
CA GLN A 513 21.67 14.89 -16.40
C GLN A 513 20.41 14.14 -16.82
N LEU A 514 19.43 14.05 -15.91
CA LEU A 514 18.17 13.37 -16.22
C LEU A 514 17.41 14.08 -17.33
N LEU A 515 17.48 15.41 -17.37
CA LEU A 515 16.78 16.16 -18.41
C LEU A 515 17.52 16.12 -19.75
N MET A 516 18.84 16.01 -19.72
CA MET A 516 19.60 16.02 -20.95
C MET A 516 19.36 14.71 -21.70
N PRO A 517 18.92 14.76 -22.97
CA PRO A 517 18.73 13.53 -23.75
C PRO A 517 20.03 12.83 -24.09
#